data_3UDD
#
_entry.id   3UDD
#
_cell.length_a   124.320
_cell.length_b   44.690
_cell.length_c   88.200
_cell.angle_alpha   90.00
_cell.angle_beta   90.17
_cell.angle_gamma   90.00
#
_symmetry.space_group_name_H-M   'C 1 2 1'
#
loop_
_entity.id
_entity.type
_entity.pdbx_description
1 polymer Tankyrase-1
2 non-polymer 'ZINC ION'
3 non-polymer 3-(4-methoxyphenyl)-5-({[4-(4-methoxyphenyl)-5-methyl-4H-1,2,4-triazol-3-yl]sulfanyl}methyl)-1,2,4-oxadiazole
4 non-polymer 'SULFATE ION'
5 non-polymer GLYCEROL
6 water water
#
_entity_poly.entity_id   1
_entity_poly.type   'polypeptide(L)'
_entity_poly.pdbx_seq_one_letter_code
;GGTILLDLAPEDKEYQSVEEEMQSTIREHRDGGNAGGIFNRYNVIRIQKVVNKKLRERFCHRQKEVSEENHNHHNERMLF
HGSPFINAIIHKGFDERHAYIGGMFGAGIYFAENSSKSNQYVYGIGGGTGCPTHKDRSCYICHRQMLFCRVTLGKSFLQF
STIKMAHAPPGHHSVIGRPSVNGLAYAEYVIYRGEQAYPEYLITYQIMKPEAPSQTATAAEQKT
;
_entity_poly.pdbx_strand_id   A,B
#
# COMPACT_ATOMS: atom_id res chain seq x y z
N GLY A 2 -20.14 12.74 6.48
CA GLY A 2 -20.50 11.42 5.96
C GLY A 2 -20.93 11.38 4.51
N THR A 3 -21.38 10.20 4.06
CA THR A 3 -21.79 10.00 2.68
C THR A 3 -23.24 10.44 2.41
N ILE A 4 -23.43 11.11 1.26
CA ILE A 4 -24.74 11.50 0.76
C ILE A 4 -24.90 10.78 -0.59
N LEU A 5 -26.11 10.30 -0.88
CA LEU A 5 -26.43 9.66 -2.15
C LEU A 5 -27.34 10.61 -2.93
N LEU A 6 -26.87 10.98 -4.13
CA LEU A 6 -27.61 11.86 -5.04
C LEU A 6 -28.38 10.92 -5.95
N ASP A 7 -29.73 11.07 -5.99
CA ASP A 7 -30.60 10.24 -6.82
C ASP A 7 -30.69 10.75 -8.24
N LEU A 8 -30.12 10.00 -9.19
CA LEU A 8 -30.20 10.36 -10.60
C LEU A 8 -31.55 9.89 -11.14
N ALA A 9 -32.21 10.75 -11.94
CA ALA A 9 -33.50 10.44 -12.54
C ALA A 9 -33.28 9.61 -13.81
N PRO A 10 -34.18 8.67 -14.19
CA PRO A 10 -34.00 7.92 -15.45
C PRO A 10 -34.00 8.75 -16.74
N GLU A 11 -34.62 9.96 -16.71
CA GLU A 11 -34.72 10.90 -17.85
C GLU A 11 -33.42 11.64 -18.10
N ASP A 12 -32.47 11.58 -17.14
CA ASP A 12 -31.17 12.24 -17.18
C ASP A 12 -30.20 11.46 -18.08
N LYS A 13 -29.40 12.18 -18.89
CA LYS A 13 -28.35 11.65 -19.78
C LYS A 13 -27.26 10.89 -18.99
N GLU A 14 -26.91 11.35 -17.78
CA GLU A 14 -25.90 10.73 -16.90
C GLU A 14 -26.37 9.33 -16.45
N TYR A 15 -27.64 9.22 -16.01
CA TYR A 15 -28.26 7.95 -15.65
C TYR A 15 -28.22 7.04 -16.88
N GLN A 16 -28.63 7.56 -18.05
CA GLN A 16 -28.66 6.80 -19.30
C GLN A 16 -27.29 6.34 -19.79
N SER A 17 -26.24 7.18 -19.68
CA SER A 17 -24.90 6.76 -20.11
C SER A 17 -24.33 5.64 -19.19
N VAL A 18 -24.60 5.73 -17.87
CA VAL A 18 -24.16 4.72 -16.88
C VAL A 18 -24.87 3.40 -17.18
N GLU A 19 -26.23 3.43 -17.32
CA GLU A 19 -26.97 2.20 -17.62
C GLU A 19 -26.52 1.60 -18.96
N GLU A 20 -26.35 2.44 -20.01
CA GLU A 20 -25.90 1.98 -21.33
C GLU A 20 -24.53 1.28 -21.26
N GLU A 21 -23.60 1.83 -20.49
CA GLU A 21 -22.28 1.23 -20.30
C GLU A 21 -22.41 -0.14 -19.59
N MET A 22 -23.28 -0.22 -18.58
CA MET A 22 -23.53 -1.45 -17.84
C MET A 22 -24.20 -2.52 -18.72
N GLN A 23 -25.24 -2.13 -19.47
CA GLN A 23 -25.99 -3.06 -20.35
C GLN A 23 -25.19 -3.56 -21.54
N SER A 24 -24.40 -2.69 -22.19
CA SER A 24 -23.61 -3.05 -23.37
C SER A 24 -22.33 -3.84 -23.08
N THR A 25 -21.95 -3.94 -21.79
CA THR A 25 -20.71 -4.67 -21.45
C THR A 25 -20.97 -6.05 -20.83
N ILE A 26 -22.15 -6.61 -21.07
CA ILE A 26 -22.47 -7.97 -20.63
C ILE A 26 -21.76 -8.91 -21.59
N ARG A 27 -21.05 -9.89 -21.05
CA ARG A 27 -20.39 -10.86 -21.88
C ARG A 27 -20.60 -12.25 -21.36
N GLU A 28 -20.37 -13.24 -22.22
CA GLU A 28 -20.43 -14.64 -21.84
C GLU A 28 -19.14 -14.90 -21.07
N HIS A 29 -19.27 -15.59 -19.94
CA HIS A 29 -18.09 -15.91 -19.13
C HIS A 29 -17.80 -17.39 -19.24
N ARG A 30 -16.53 -17.75 -19.16
CA ARG A 30 -15.97 -19.12 -19.25
C ARG A 30 -16.64 -20.13 -18.29
N ASP A 31 -17.11 -19.66 -17.12
CA ASP A 31 -17.79 -20.52 -16.14
C ASP A 31 -19.26 -20.83 -16.51
N GLY A 32 -19.71 -20.40 -17.70
CA GLY A 32 -21.06 -20.66 -18.18
C GLY A 32 -22.18 -20.05 -17.35
N GLY A 33 -21.86 -19.01 -16.58
CA GLY A 33 -22.84 -18.34 -15.73
C GLY A 33 -22.83 -18.81 -14.28
N ASN A 34 -21.96 -19.79 -13.92
CA ASN A 34 -21.92 -20.35 -12.55
C ASN A 34 -21.87 -19.26 -11.46
N ALA A 35 -20.87 -18.35 -11.51
CA ALA A 35 -20.66 -17.30 -10.51
C ALA A 35 -21.74 -16.21 -10.47
N GLY A 36 -22.06 -15.64 -11.62
CA GLY A 36 -22.97 -14.48 -11.68
C GLY A 36 -24.39 -14.69 -12.11
N GLY A 37 -24.70 -15.88 -12.64
CA GLY A 37 -26.04 -16.18 -13.10
C GLY A 37 -26.22 -16.09 -14.60
N ILE A 38 -27.40 -16.46 -15.08
CA ILE A 38 -27.70 -16.44 -16.51
C ILE A 38 -28.62 -15.26 -16.82
N PHE A 39 -28.20 -14.39 -17.74
CA PHE A 39 -28.95 -13.19 -18.11
C PHE A 39 -28.36 -12.54 -19.37
N ASN A 40 -29.18 -11.76 -20.11
CA ASN A 40 -28.71 -11.01 -21.28
C ASN A 40 -28.78 -9.50 -21.01
N ARG A 41 -29.50 -9.13 -19.93
CA ARG A 41 -29.69 -7.73 -19.54
C ARG A 41 -30.00 -7.61 -18.04
N TYR A 42 -29.84 -6.41 -17.51
CA TYR A 42 -30.19 -6.13 -16.11
C TYR A 42 -31.46 -5.33 -16.09
N ASN A 43 -32.12 -5.35 -14.93
CA ASN A 43 -33.21 -4.44 -14.65
C ASN A 43 -32.57 -3.44 -13.68
N VAL A 44 -32.30 -2.22 -14.13
CA VAL A 44 -31.71 -1.18 -13.26
C VAL A 44 -32.80 -0.56 -12.31
N ILE A 45 -32.64 -0.76 -10.99
CA ILE A 45 -33.62 -0.23 -10.02
C ILE A 45 -33.37 1.27 -9.74
N ARG A 46 -32.10 1.64 -9.55
CA ARG A 46 -31.70 3.04 -9.34
C ARG A 46 -30.22 3.23 -9.59
N ILE A 47 -29.82 4.49 -9.82
CA ILE A 47 -28.43 4.89 -9.98
C ILE A 47 -28.23 6.11 -9.10
N GLN A 48 -27.29 6.00 -8.14
CA GLN A 48 -26.99 7.09 -7.20
C GLN A 48 -25.54 7.49 -7.26
N LYS A 49 -25.29 8.80 -7.18
CA LYS A 49 -23.95 9.37 -7.14
C LYS A 49 -23.55 9.45 -5.69
N VAL A 50 -22.35 8.94 -5.38
CA VAL A 50 -21.81 8.92 -4.02
C VAL A 50 -21.04 10.23 -3.73
N VAL A 51 -21.53 11.00 -2.76
CA VAL A 51 -20.89 12.26 -2.40
C VAL A 51 -20.29 12.18 -0.99
N ASN A 52 -18.97 12.27 -0.90
CA ASN A 52 -18.30 12.24 0.39
C ASN A 52 -17.06 13.09 0.30
N LYS A 53 -17.02 14.17 1.09
CA LYS A 53 -15.95 15.17 1.12
C LYS A 53 -14.55 14.56 1.39
N LYS A 54 -14.41 13.76 2.45
CA LYS A 54 -13.16 13.10 2.84
C LYS A 54 -12.68 12.10 1.77
N LEU A 55 -13.60 11.35 1.16
CA LEU A 55 -13.27 10.39 0.08
C LEU A 55 -12.81 11.11 -1.16
N ARG A 56 -13.50 12.22 -1.54
CA ARG A 56 -13.09 13.04 -2.67
C ARG A 56 -11.69 13.66 -2.39
N GLU A 57 -11.46 14.20 -1.17
CA GLU A 57 -10.17 14.82 -0.80
C GLU A 57 -9.02 13.82 -1.02
N ARG A 58 -9.18 12.58 -0.50
CA ARG A 58 -8.12 11.55 -0.62
C ARG A 58 -7.87 11.18 -2.06
N PHE A 59 -8.97 11.06 -2.81
CA PHE A 59 -8.90 10.74 -4.24
C PHE A 59 -8.14 11.86 -4.96
N CYS A 60 -8.54 13.14 -4.75
CA CYS A 60 -7.85 14.33 -5.30
C CYS A 60 -6.37 14.31 -4.93
N HIS A 61 -6.08 14.11 -3.64
CA HIS A 61 -4.68 14.09 -3.14
C HIS A 61 -3.81 13.09 -3.90
N ARG A 62 -4.29 11.85 -4.03
CA ARG A 62 -3.53 10.82 -4.74
C ARG A 62 -3.39 11.09 -6.25
N GLN A 63 -4.47 11.55 -6.89
CA GLN A 63 -4.52 11.91 -8.30
C GLN A 63 -3.35 12.82 -8.71
N LYS A 64 -3.07 13.85 -7.90
CA LYS A 64 -2.00 14.83 -8.14
C LYS A 64 -0.62 14.20 -8.07
N GLU A 65 -0.39 13.27 -7.12
CA GLU A 65 0.90 12.57 -6.99
C GLU A 65 1.17 11.68 -8.23
N VAL A 66 0.13 10.95 -8.67
CA VAL A 66 0.18 10.07 -9.82
C VAL A 66 0.47 10.88 -11.10
N SER A 67 -0.25 12.00 -11.27
CA SER A 67 -0.11 12.95 -12.37
C SER A 67 1.33 13.43 -12.46
N GLU A 68 1.96 13.78 -11.31
CA GLU A 68 3.35 14.23 -11.23
C GLU A 68 4.38 13.20 -11.73
N GLU A 69 4.03 11.90 -11.61
CA GLU A 69 4.86 10.77 -12.03
C GLU A 69 4.42 10.14 -13.37
N ASN A 70 3.37 10.66 -14.00
CA ASN A 70 2.91 10.11 -15.26
C ASN A 70 2.82 11.20 -16.32
N HIS A 71 3.88 12.05 -16.37
CA HIS A 71 4.01 13.17 -17.32
C HIS A 71 2.71 13.98 -17.40
N ASN A 72 2.26 14.43 -16.21
CA ASN A 72 1.06 15.23 -15.94
C ASN A 72 -0.27 14.62 -16.38
N HIS A 73 -0.35 13.27 -16.41
CA HIS A 73 -1.57 12.57 -16.77
C HIS A 73 -2.08 11.65 -15.68
N HIS A 74 -3.35 11.79 -15.35
CA HIS A 74 -4.04 10.95 -14.36
C HIS A 74 -4.17 9.52 -14.89
N ASN A 75 -4.52 9.42 -16.20
CA ASN A 75 -4.90 8.19 -16.91
C ASN A 75 -6.13 7.58 -16.16
N GLU A 76 -7.14 8.41 -16.00
CA GLU A 76 -8.36 7.99 -15.33
C GLU A 76 -9.25 7.19 -16.29
N ARG A 77 -9.91 6.17 -15.75
CA ARG A 77 -10.83 5.34 -16.49
C ARG A 77 -12.03 4.97 -15.62
N MET A 78 -13.21 4.92 -16.23
CA MET A 78 -14.42 4.53 -15.51
C MET A 78 -14.48 3.01 -15.58
N LEU A 79 -14.40 2.33 -14.43
CA LEU A 79 -14.45 0.85 -14.42
C LEU A 79 -15.44 0.29 -13.40
N PHE A 80 -15.97 -0.93 -13.65
CA PHE A 80 -16.90 -1.52 -12.69
C PHE A 80 -16.18 -2.24 -11.57
N HIS A 81 -16.80 -2.26 -10.38
CA HIS A 81 -16.34 -3.02 -9.23
C HIS A 81 -17.53 -3.74 -8.61
N GLY A 82 -17.34 -5.02 -8.34
CA GLY A 82 -18.34 -5.85 -7.66
C GLY A 82 -17.72 -6.58 -6.49
N SER A 83 -18.36 -6.51 -5.33
CA SER A 83 -17.88 -7.23 -4.13
C SER A 83 -18.97 -7.21 -3.07
N PRO A 84 -18.95 -8.08 -2.03
CA PRO A 84 -19.97 -7.97 -0.97
C PRO A 84 -19.70 -6.80 -0.02
N PHE A 85 -18.73 -5.93 -0.34
CA PHE A 85 -18.33 -4.80 0.53
C PHE A 85 -18.81 -3.41 0.11
N ILE A 86 -19.72 -3.36 -0.89
CA ILE A 86 -20.23 -2.09 -1.45
C ILE A 86 -20.65 -1.07 -0.38
N ASN A 87 -21.43 -1.51 0.62
CA ASN A 87 -21.90 -0.61 1.67
C ASN A 87 -20.75 0.02 2.47
N ALA A 88 -19.76 -0.77 2.83
CA ALA A 88 -18.60 -0.23 3.52
C ALA A 88 -17.80 0.74 2.63
N ILE A 89 -17.62 0.38 1.34
CA ILE A 89 -16.85 1.18 0.36
C ILE A 89 -17.45 2.58 0.19
N ILE A 90 -18.79 2.69 0.04
CA ILE A 90 -19.44 3.99 -0.17
C ILE A 90 -19.34 4.90 1.05
N HIS A 91 -19.20 4.32 2.28
CA HIS A 91 -19.06 5.09 3.53
C HIS A 91 -17.63 5.37 3.94
N LYS A 92 -16.74 4.39 3.74
CA LYS A 92 -15.34 4.48 4.19
C LYS A 92 -14.32 4.61 3.06
N GLY A 93 -14.75 4.33 1.84
CA GLY A 93 -13.85 4.35 0.70
C GLY A 93 -13.23 2.98 0.46
N PHE A 94 -12.51 2.85 -0.66
CA PHE A 94 -11.79 1.62 -0.97
C PHE A 94 -10.60 1.58 0.02
N ASP A 95 -10.21 0.39 0.40
CA ASP A 95 -9.14 0.22 1.40
C ASP A 95 -8.32 -0.98 0.98
N GLU A 96 -7.05 -0.75 0.60
CA GLU A 96 -6.16 -1.85 0.19
C GLU A 96 -5.88 -2.89 1.26
N ARG A 97 -6.15 -2.57 2.54
CA ARG A 97 -6.02 -3.56 3.63
C ARG A 97 -7.08 -4.65 3.44
N HIS A 98 -8.10 -4.35 2.61
CA HIS A 98 -9.17 -5.31 2.23
C HIS A 98 -8.99 -5.78 0.78
N ALA A 99 -7.75 -5.67 0.24
CA ALA A 99 -7.41 -6.15 -1.12
C ALA A 99 -7.67 -7.66 -1.20
N TYR A 100 -7.94 -8.17 -2.41
CA TYR A 100 -8.18 -9.59 -2.58
C TYR A 100 -6.82 -10.32 -2.67
N ILE A 101 -6.42 -10.96 -1.56
CA ILE A 101 -5.13 -11.68 -1.43
C ILE A 101 -4.94 -12.79 -2.49
N GLY A 102 -6.04 -13.50 -2.81
CA GLY A 102 -6.02 -14.59 -3.78
C GLY A 102 -6.11 -14.17 -5.24
N GLY A 103 -6.06 -12.85 -5.50
CA GLY A 103 -6.14 -12.29 -6.83
C GLY A 103 -5.01 -12.78 -7.72
N MET A 104 -5.31 -12.98 -9.01
CA MET A 104 -4.35 -13.48 -9.99
C MET A 104 -3.10 -12.61 -10.13
N PHE A 105 -3.24 -11.29 -9.86
CA PHE A 105 -2.13 -10.33 -9.98
C PHE A 105 -1.71 -9.76 -8.63
N GLY A 106 -2.02 -10.52 -7.58
CA GLY A 106 -1.64 -10.22 -6.21
C GLY A 106 -2.68 -9.49 -5.40
N ALA A 107 -2.26 -9.03 -4.21
CA ALA A 107 -3.15 -8.40 -3.24
C ALA A 107 -3.54 -6.96 -3.61
N GLY A 108 -4.42 -6.84 -4.60
CA GLY A 108 -4.92 -5.54 -5.02
C GLY A 108 -6.43 -5.48 -5.03
N ILE A 109 -6.97 -4.34 -5.49
CA ILE A 109 -8.40 -4.13 -5.66
C ILE A 109 -8.64 -4.21 -7.17
N TYR A 110 -9.55 -5.12 -7.55
CA TYR A 110 -9.83 -5.48 -8.93
C TYR A 110 -11.02 -4.78 -9.52
N PHE A 111 -10.85 -4.31 -10.77
CA PHE A 111 -11.87 -3.59 -11.54
C PHE A 111 -11.98 -4.19 -12.93
N ALA A 112 -13.14 -3.96 -13.57
CA ALA A 112 -13.39 -4.53 -14.88
C ALA A 112 -14.09 -3.58 -15.84
N GLU A 113 -13.79 -3.74 -17.12
CA GLU A 113 -14.50 -2.99 -18.18
C GLU A 113 -15.88 -3.61 -18.38
N ASN A 114 -16.05 -4.90 -18.04
CA ASN A 114 -17.31 -5.60 -18.22
C ASN A 114 -18.12 -5.64 -16.95
N SER A 115 -19.32 -5.07 -16.96
CA SER A 115 -20.24 -5.11 -15.82
C SER A 115 -20.54 -6.57 -15.38
N SER A 116 -20.64 -7.52 -16.35
CA SER A 116 -20.95 -8.92 -16.00
C SER A 116 -19.76 -9.57 -15.23
N LYS A 117 -18.52 -9.08 -15.46
CA LYS A 117 -17.37 -9.58 -14.68
C LYS A 117 -17.57 -9.14 -13.20
N SER A 118 -17.92 -7.84 -12.95
CA SER A 118 -18.18 -7.37 -11.57
C SER A 118 -19.36 -8.09 -10.91
N ASN A 119 -20.41 -8.42 -11.69
CA ASN A 119 -21.57 -9.16 -11.18
C ASN A 119 -21.20 -10.56 -10.62
N GLN A 120 -20.12 -11.18 -11.11
CA GLN A 120 -19.65 -12.48 -10.63
C GLN A 120 -19.12 -12.41 -9.19
N TYR A 121 -18.81 -11.20 -8.68
CA TYR A 121 -18.22 -11.01 -7.36
C TYR A 121 -19.12 -10.40 -6.30
N VAL A 122 -20.32 -9.95 -6.69
CA VAL A 122 -21.24 -9.31 -5.74
C VAL A 122 -21.59 -10.17 -4.53
N TYR A 123 -21.73 -11.50 -4.69
CA TYR A 123 -22.05 -12.37 -3.55
C TYR A 123 -20.83 -13.10 -2.97
N GLY A 124 -19.64 -12.77 -3.47
CA GLY A 124 -18.37 -13.35 -3.02
C GLY A 124 -17.55 -13.92 -4.16
N ILE A 125 -16.40 -14.54 -3.83
CA ILE A 125 -15.51 -15.20 -4.80
C ILE A 125 -16.28 -16.37 -5.45
N GLY A 126 -16.26 -16.45 -6.78
CA GLY A 126 -17.04 -17.44 -7.54
C GLY A 126 -18.54 -17.28 -7.34
N GLY A 127 -18.98 -16.09 -6.88
CA GLY A 127 -20.38 -15.82 -6.54
C GLY A 127 -20.79 -16.34 -5.17
N GLY A 128 -19.82 -16.84 -4.39
CA GLY A 128 -20.07 -17.38 -3.05
C GLY A 128 -21.19 -18.40 -3.00
N THR A 129 -22.15 -18.22 -2.05
CA THR A 129 -23.32 -19.10 -1.96
C THR A 129 -24.58 -18.42 -2.54
N GLY A 130 -24.38 -17.40 -3.36
CA GLY A 130 -25.48 -16.65 -3.95
C GLY A 130 -26.10 -15.68 -2.96
N CYS A 131 -27.35 -15.29 -3.23
CA CYS A 131 -28.07 -14.34 -2.36
C CYS A 131 -28.31 -14.94 -0.95
N PRO A 132 -28.38 -14.10 0.12
CA PRO A 132 -28.65 -14.66 1.47
C PRO A 132 -30.00 -15.38 1.59
N THR A 133 -31.07 -14.84 0.97
CA THR A 133 -32.42 -15.42 1.10
C THR A 133 -32.60 -16.79 0.41
N HIS A 134 -32.17 -16.92 -0.86
CA HIS A 134 -32.42 -18.13 -1.65
C HIS A 134 -31.20 -19.00 -1.92
N LYS A 135 -29.98 -18.52 -1.56
CA LYS A 135 -28.71 -19.23 -1.81
C LYS A 135 -28.58 -19.53 -3.31
N ASP A 136 -28.98 -18.55 -4.11
CA ASP A 136 -29.03 -18.69 -5.55
C ASP A 136 -28.13 -17.70 -6.21
N ARG A 137 -27.07 -18.19 -6.90
CA ARG A 137 -26.16 -17.29 -7.61
C ARG A 137 -26.81 -16.65 -8.84
N SER A 138 -27.89 -17.26 -9.37
CA SER A 138 -28.65 -16.69 -10.50
C SER A 138 -30.00 -16.10 -10.05
N CYS A 139 -30.08 -15.63 -8.80
CA CYS A 139 -31.34 -15.09 -8.28
C CYS A 139 -31.84 -13.91 -9.12
N TYR A 140 -33.13 -13.96 -9.49
CA TYR A 140 -33.79 -12.95 -10.31
C TYR A 140 -34.67 -12.04 -9.44
N ILE A 141 -34.76 -12.39 -8.15
CA ILE A 141 -35.58 -11.68 -7.17
C ILE A 141 -34.80 -10.61 -6.40
N CYS A 142 -33.75 -11.04 -5.69
CA CYS A 142 -32.95 -10.20 -4.82
C CYS A 142 -32.21 -9.10 -5.54
N HIS A 143 -32.20 -7.91 -4.93
CA HIS A 143 -31.52 -6.74 -5.47
C HIS A 143 -30.05 -6.84 -5.24
N ARG A 144 -29.27 -6.48 -6.23
CA ARG A 144 -27.80 -6.51 -6.17
C ARG A 144 -27.26 -5.12 -6.31
N GLN A 145 -26.01 -4.93 -5.89
CA GLN A 145 -25.37 -3.63 -6.05
C GLN A 145 -23.97 -3.78 -6.57
N MET A 146 -23.60 -2.88 -7.47
CA MET A 146 -22.27 -2.78 -8.04
C MET A 146 -21.91 -1.29 -8.18
N LEU A 147 -20.61 -1.02 -8.30
CA LEU A 147 -20.10 0.33 -8.43
C LEU A 147 -19.50 0.58 -9.81
N PHE A 148 -19.70 1.81 -10.37
CA PHE A 148 -19.08 2.25 -11.61
C PHE A 148 -18.17 3.39 -11.13
N CYS A 149 -16.84 3.14 -11.14
CA CYS A 149 -15.81 3.94 -10.45
C CYS A 149 -14.88 4.74 -11.31
N ARG A 150 -14.38 5.88 -10.76
CA ARG A 150 -13.28 6.64 -11.35
C ARG A 150 -12.04 5.91 -10.84
N VAL A 151 -11.18 5.42 -11.75
CA VAL A 151 -9.98 4.70 -11.34
C VAL A 151 -8.74 5.41 -11.91
N THR A 152 -7.85 5.85 -10.99
CA THR A 152 -6.58 6.51 -11.33
C THR A 152 -5.57 5.42 -11.62
N LEU A 153 -5.36 5.16 -12.90
CA LEU A 153 -4.48 4.08 -13.34
C LEU A 153 -3.04 4.51 -13.49
N GLY A 154 -2.84 5.79 -13.79
CA GLY A 154 -1.53 6.37 -14.05
C GLY A 154 -0.80 5.58 -15.12
N LYS A 155 0.47 5.26 -14.84
CA LYS A 155 1.28 4.43 -15.70
C LYS A 155 1.00 2.96 -15.34
N SER A 156 0.30 2.24 -16.24
CA SER A 156 -0.08 0.84 -16.06
C SER A 156 1.06 -0.11 -16.42
N PHE A 157 1.29 -1.13 -15.60
CA PHE A 157 2.29 -2.14 -15.92
C PHE A 157 1.53 -3.28 -16.62
N LEU A 158 2.02 -3.73 -17.78
CA LEU A 158 1.40 -4.79 -18.56
C LEU A 158 1.94 -6.15 -18.09
N GLN A 159 1.06 -6.93 -17.46
CA GLN A 159 1.38 -8.24 -16.90
C GLN A 159 0.64 -9.34 -17.65
N PHE A 160 1.38 -10.37 -18.02
CA PHE A 160 0.84 -11.50 -18.75
C PHE A 160 0.93 -12.77 -17.91
N SER A 161 1.97 -12.89 -17.06
CA SER A 161 2.13 -14.05 -16.19
C SER A 161 1.36 -13.82 -14.87
N THR A 162 0.76 -14.89 -14.30
CA THR A 162 0.09 -14.81 -13.00
C THR A 162 1.23 -14.66 -11.99
N ILE A 163 1.26 -13.51 -11.31
CA ILE A 163 2.31 -13.11 -10.36
C ILE A 163 1.63 -12.49 -9.13
N LYS A 164 2.18 -12.73 -7.93
CA LYS A 164 1.54 -12.24 -6.70
C LYS A 164 2.13 -10.94 -6.16
N MET A 165 1.83 -9.83 -6.86
CA MET A 165 2.32 -8.51 -6.49
C MET A 165 1.64 -7.90 -5.27
N ALA A 166 2.43 -7.19 -4.45
CA ALA A 166 1.93 -6.51 -3.26
C ALA A 166 1.58 -5.06 -3.56
N HIS A 167 2.29 -4.48 -4.54
CA HIS A 167 2.22 -3.08 -4.93
C HIS A 167 2.50 -3.03 -6.43
N ALA A 168 2.24 -1.87 -7.07
CA ALA A 168 2.52 -1.73 -8.50
C ALA A 168 4.04 -1.77 -8.67
N PRO A 169 4.59 -2.23 -9.80
CA PRO A 169 6.06 -2.20 -9.96
C PRO A 169 6.66 -0.78 -9.86
N PRO A 170 7.96 -0.64 -9.51
CA PRO A 170 8.58 0.70 -9.47
C PRO A 170 8.27 1.58 -10.69
N GLY A 171 7.93 2.84 -10.45
CA GLY A 171 7.58 3.79 -11.49
C GLY A 171 6.20 3.60 -12.10
N HIS A 172 5.38 2.66 -11.57
CA HIS A 172 4.04 2.36 -12.09
C HIS A 172 2.95 2.61 -11.03
N HIS A 173 1.68 2.72 -11.44
CA HIS A 173 0.57 3.00 -10.51
C HIS A 173 -0.55 1.98 -10.51
N SER A 174 -0.52 1.07 -11.48
CA SER A 174 -1.54 0.02 -11.63
C SER A 174 -0.96 -1.11 -12.43
N VAL A 175 -1.71 -2.20 -12.51
CA VAL A 175 -1.38 -3.39 -13.27
C VAL A 175 -2.58 -3.71 -14.14
N ILE A 176 -2.32 -3.95 -15.42
CA ILE A 176 -3.36 -4.45 -16.33
C ILE A 176 -2.89 -5.88 -16.57
N GLY A 177 -3.61 -6.81 -16.00
CA GLY A 177 -3.31 -8.23 -16.06
C GLY A 177 -4.16 -8.90 -17.12
N ARG A 178 -3.49 -9.68 -18.00
CA ARG A 178 -4.18 -10.41 -19.07
C ARG A 178 -3.86 -11.90 -18.99
N TYR A 186 -9.30 -11.52 -21.29
CA TYR A 186 -9.83 -10.22 -20.86
C TYR A 186 -8.95 -9.58 -19.81
N ALA A 187 -8.85 -8.26 -19.85
CA ALA A 187 -7.98 -7.52 -18.95
C ALA A 187 -8.55 -7.37 -17.54
N GLU A 188 -7.69 -7.49 -16.53
CA GLU A 188 -8.03 -7.24 -15.13
C GLU A 188 -7.29 -5.96 -14.75
N TYR A 189 -8.03 -4.95 -14.28
CA TYR A 189 -7.47 -3.65 -13.88
C TYR A 189 -7.27 -3.66 -12.39
N VAL A 190 -6.01 -3.55 -11.96
CA VAL A 190 -5.67 -3.69 -10.55
C VAL A 190 -4.95 -2.50 -9.98
N ILE A 191 -5.42 -2.00 -8.84
CA ILE A 191 -4.76 -0.93 -8.08
C ILE A 191 -4.39 -1.51 -6.72
N TYR A 192 -3.37 -0.94 -6.05
CA TYR A 192 -2.86 -1.44 -4.78
C TYR A 192 -2.98 -0.42 -3.65
N ARG A 193 -3.68 0.70 -3.93
CA ARG A 193 -3.94 1.81 -3.02
C ARG A 193 -5.40 2.18 -3.20
N GLY A 194 -6.18 2.09 -2.12
CA GLY A 194 -7.61 2.40 -2.16
C GLY A 194 -7.95 3.78 -2.65
N GLU A 195 -7.05 4.76 -2.37
CA GLU A 195 -7.22 6.16 -2.79
C GLU A 195 -7.09 6.40 -4.29
N GLN A 196 -6.74 5.35 -5.07
CA GLN A 196 -6.73 5.45 -6.54
C GLN A 196 -8.09 5.08 -7.17
N ALA A 197 -9.15 4.90 -6.34
CA ALA A 197 -10.49 4.69 -6.90
C ALA A 197 -11.52 5.45 -6.10
N TYR A 198 -12.51 6.03 -6.79
CA TYR A 198 -13.60 6.76 -6.10
C TYR A 198 -14.89 6.03 -6.49
N PRO A 199 -15.73 5.64 -5.51
CA PRO A 199 -16.95 4.87 -5.85
C PRO A 199 -18.06 5.80 -6.37
N GLU A 200 -17.86 6.36 -7.56
CA GLU A 200 -18.71 7.40 -8.15
C GLU A 200 -20.20 7.06 -8.23
N TYR A 201 -20.53 5.94 -8.87
CA TYR A 201 -21.93 5.57 -9.07
C TYR A 201 -22.25 4.26 -8.40
N LEU A 202 -23.34 4.26 -7.60
CA LEU A 202 -23.86 3.06 -6.97
C LEU A 202 -25.08 2.65 -7.82
N ILE A 203 -25.00 1.44 -8.40
CA ILE A 203 -26.05 0.88 -9.25
C ILE A 203 -26.80 -0.23 -8.49
N THR A 204 -28.10 -0.05 -8.30
CA THR A 204 -28.93 -1.07 -7.66
C THR A 204 -29.71 -1.75 -8.79
N TYR A 205 -29.65 -3.09 -8.84
CA TYR A 205 -30.23 -3.80 -9.97
C TYR A 205 -30.61 -5.24 -9.68
N GLN A 206 -31.28 -5.83 -10.67
CA GLN A 206 -31.54 -7.27 -10.69
C GLN A 206 -30.99 -7.81 -12.01
N ILE A 207 -30.56 -9.07 -12.06
CA ILE A 207 -30.27 -9.67 -13.36
C ILE A 207 -31.67 -10.12 -13.86
N MET A 208 -31.88 -10.17 -15.18
CA MET A 208 -33.19 -10.59 -15.71
C MET A 208 -33.12 -11.98 -16.34
N LYS A 209 -34.15 -12.80 -16.11
CA LYS A 209 -34.22 -14.16 -16.67
C LYS A 209 -34.50 -14.07 -18.17
N PRO A 210 -33.64 -14.65 -19.03
CA PRO A 210 -33.92 -14.60 -20.48
C PRO A 210 -35.25 -15.27 -20.84
N GLU A 211 -35.87 -14.84 -21.95
CA GLU A 211 -37.10 -15.46 -22.46
C GLU A 211 -36.77 -16.93 -22.82
N ALA A 212 -37.55 -17.89 -22.29
CA ALA A 212 -37.36 -19.33 -22.50
C ALA A 212 -37.66 -19.75 -23.93
N GLY B 2 13.00 20.48 -4.12
CA GLY B 2 14.00 19.45 -3.89
C GLY B 2 14.49 19.39 -2.45
N THR B 3 15.31 18.38 -2.16
CA THR B 3 15.84 18.19 -0.81
C THR B 3 17.05 19.09 -0.50
N ILE B 4 17.06 19.63 0.73
CA ILE B 4 18.15 20.39 1.30
C ILE B 4 18.63 19.58 2.53
N LEU B 5 19.94 19.38 2.64
CA LEU B 5 20.53 18.71 3.80
C LEU B 5 21.13 19.77 4.72
N LEU B 6 20.64 19.85 5.97
CA LEU B 6 21.15 20.80 6.96
C LEU B 6 22.08 20.07 7.94
N ASP B 7 23.34 20.50 8.00
CA ASP B 7 24.33 19.92 8.91
C ASP B 7 24.05 20.30 10.33
N LEU B 8 24.05 19.31 11.20
CA LEU B 8 23.96 19.55 12.62
C LEU B 8 25.43 19.60 13.09
N ALA B 9 25.74 20.58 13.95
CA ALA B 9 27.07 20.72 14.52
C ALA B 9 27.22 19.73 15.66
N PRO B 10 28.43 19.13 15.86
CA PRO B 10 28.62 18.22 17.00
C PRO B 10 28.27 18.82 18.36
N GLU B 11 28.40 20.16 18.53
CA GLU B 11 28.06 20.83 19.81
C GLU B 11 26.55 20.93 20.03
N ASP B 12 25.75 20.63 19.01
CA ASP B 12 24.29 20.68 19.10
C ASP B 12 23.80 19.47 19.88
N LYS B 13 22.93 19.72 20.88
CA LYS B 13 22.31 18.63 21.66
C LYS B 13 21.47 17.68 20.81
N GLU B 14 20.95 18.15 19.66
CA GLU B 14 20.15 17.32 18.74
C GLU B 14 21.07 16.32 18.06
N TYR B 15 22.28 16.77 17.64
CA TYR B 15 23.31 15.90 17.07
C TYR B 15 23.66 14.81 18.13
N GLN B 16 23.99 15.25 19.37
CA GLN B 16 24.37 14.38 20.50
C GLN B 16 23.28 13.36 20.87
N SER B 17 22.01 13.78 20.83
CA SER B 17 20.87 12.89 21.11
C SER B 17 20.77 11.75 20.04
N VAL B 18 20.90 12.10 18.76
CA VAL B 18 20.84 11.10 17.67
C VAL B 18 22.04 10.14 17.78
N GLU B 19 23.27 10.70 17.91
CA GLU B 19 24.47 9.85 18.03
C GLU B 19 24.34 8.92 19.24
N GLU B 20 23.87 9.47 20.40
CA GLU B 20 23.71 8.64 21.59
C GLU B 20 22.70 7.48 21.39
N GLU B 21 21.57 7.76 20.71
CA GLU B 21 20.57 6.73 20.42
C GLU B 21 21.16 5.66 19.51
N MET B 22 21.97 6.08 18.53
CA MET B 22 22.65 5.15 17.60
C MET B 22 23.67 4.26 18.32
N GLN B 23 24.56 4.89 19.14
CA GLN B 23 25.64 4.21 19.87
C GLN B 23 25.08 3.25 20.95
N SER B 24 24.09 3.69 21.72
CA SER B 24 23.55 2.89 22.83
C SER B 24 22.68 1.68 22.44
N THR B 25 22.17 1.65 21.19
CA THR B 25 21.31 0.55 20.71
C THR B 25 22.05 -0.51 19.88
N ILE B 26 23.38 -0.51 19.92
CA ILE B 26 24.16 -1.57 19.28
C ILE B 26 23.91 -2.83 20.16
N ARG B 27 23.67 -3.96 19.52
CA ARG B 27 23.47 -5.24 20.21
C ARG B 27 24.16 -6.34 19.45
N GLU B 28 24.30 -7.51 20.08
CA GLU B 28 24.87 -8.68 19.43
C GLU B 28 23.78 -9.21 18.49
N HIS B 29 24.18 -9.74 17.33
CA HIS B 29 23.29 -10.32 16.35
C HIS B 29 23.54 -11.84 16.23
N ARG B 30 22.49 -12.63 15.94
CA ARG B 30 22.59 -14.09 15.82
C ARG B 30 23.63 -14.57 14.77
N ASP B 31 23.91 -13.76 13.74
CA ASP B 31 24.90 -14.18 12.74
C ASP B 31 26.37 -13.95 13.17
N GLY B 32 26.58 -13.49 14.40
CA GLY B 32 27.91 -13.19 14.95
C GLY B 32 28.64 -12.01 14.34
N GLY B 33 28.00 -11.26 13.44
CA GLY B 33 28.60 -10.11 12.79
C GLY B 33 28.79 -10.27 11.31
N ASN B 34 28.27 -11.39 10.72
CA ASN B 34 28.37 -11.63 9.28
C ASN B 34 27.81 -10.52 8.41
N ALA B 35 26.53 -10.12 8.64
CA ALA B 35 25.91 -9.11 7.76
C ALA B 35 26.46 -7.69 7.93
N GLY B 36 26.55 -7.21 9.17
CA GLY B 36 26.92 -5.82 9.47
C GLY B 36 28.37 -5.55 9.85
N GLY B 37 29.13 -6.59 10.14
CA GLY B 37 30.51 -6.45 10.57
C GLY B 37 30.73 -6.63 12.06
N ILE B 38 31.99 -6.56 12.48
CA ILE B 38 32.34 -6.73 13.89
C ILE B 38 32.84 -5.40 14.38
N PHE B 39 32.18 -4.87 15.43
CA PHE B 39 32.43 -3.54 16.00
C PHE B 39 31.76 -3.41 17.35
N ASN B 40 32.26 -2.50 18.20
CA ASN B 40 31.64 -2.20 19.49
C ASN B 40 31.03 -0.78 19.51
N ARG B 41 31.42 0.05 18.54
CA ARG B 41 30.93 1.43 18.40
C ARG B 41 31.05 1.89 16.95
N TYR B 42 30.46 3.04 16.64
CA TYR B 42 30.62 3.69 15.35
C TYR B 42 31.52 4.92 15.51
N ASN B 43 32.05 5.40 14.38
CA ASN B 43 32.65 6.72 14.27
C ASN B 43 31.54 7.48 13.52
N VAL B 44 30.78 8.34 14.21
CA VAL B 44 29.74 9.17 13.60
C VAL B 44 30.43 10.43 13.06
N ILE B 45 30.47 10.57 11.73
CA ILE B 45 31.22 11.67 11.14
C ILE B 45 30.40 12.80 10.59
N ARG B 46 29.08 12.62 10.46
CA ARG B 46 28.17 13.67 9.98
C ARG B 46 26.73 13.32 10.31
N ILE B 47 25.95 14.33 10.70
CA ILE B 47 24.50 14.17 10.92
C ILE B 47 23.81 15.35 10.20
N GLN B 48 22.98 15.02 9.20
CA GLN B 48 22.25 16.02 8.43
C GLN B 48 20.75 15.82 8.57
N LYS B 49 20.02 16.94 8.76
CA LYS B 49 18.55 16.91 8.76
C LYS B 49 18.10 17.05 7.32
N VAL B 50 17.16 16.18 6.90
CA VAL B 50 16.64 16.13 5.53
C VAL B 50 15.42 17.07 5.47
N VAL B 51 15.51 18.14 4.66
CA VAL B 51 14.44 19.12 4.54
C VAL B 51 13.86 19.03 3.13
N ASN B 52 12.56 18.68 3.05
CA ASN B 52 11.86 18.55 1.78
C ASN B 52 10.36 18.78 2.03
N LYS B 53 9.85 19.91 1.51
CA LYS B 53 8.46 20.36 1.68
C LYS B 53 7.45 19.34 1.16
N LYS B 54 7.69 18.83 -0.05
CA LYS B 54 6.86 17.85 -0.76
C LYS B 54 6.77 16.53 0.04
N LEU B 55 7.92 16.05 0.54
CA LEU B 55 8.03 14.82 1.35
C LEU B 55 7.41 15.01 2.71
N ARG B 56 7.59 16.20 3.32
CA ARG B 56 6.99 16.46 4.61
C ARG B 56 5.44 16.49 4.47
N GLU B 57 4.92 17.12 3.39
CA GLU B 57 3.47 17.23 3.15
C GLU B 57 2.84 15.82 3.08
N ARG B 58 3.44 14.90 2.29
CA ARG B 58 2.93 13.52 2.16
C ARG B 58 2.91 12.78 3.51
N PHE B 59 4.02 12.92 4.30
CA PHE B 59 4.12 12.30 5.63
C PHE B 59 3.04 12.82 6.55
N CYS B 60 2.93 14.15 6.65
CA CYS B 60 1.96 14.83 7.50
C CYS B 60 0.48 14.57 7.13
N HIS B 61 0.17 14.52 5.84
CA HIS B 61 -1.18 14.25 5.35
C HIS B 61 -1.61 12.82 5.77
N ARG B 62 -0.69 11.85 5.64
CA ARG B 62 -0.96 10.47 6.02
C ARG B 62 -1.10 10.33 7.55
N GLN B 63 -0.29 11.05 8.31
CA GLN B 63 -0.32 10.97 9.76
C GLN B 63 -1.68 11.38 10.36
N LYS B 64 -2.34 12.40 9.76
CA LYS B 64 -3.66 12.86 10.18
C LYS B 64 -4.71 11.75 9.90
N GLU B 65 -4.59 11.06 8.75
CA GLU B 65 -5.51 9.94 8.42
C GLU B 65 -5.40 8.80 9.45
N VAL B 66 -4.17 8.43 9.79
CA VAL B 66 -3.90 7.36 10.74
C VAL B 66 -4.46 7.74 12.12
N SER B 67 -4.19 8.99 12.55
CA SER B 67 -4.70 9.53 13.82
C SER B 67 -6.25 9.39 13.87
N GLU B 68 -6.97 9.84 12.81
CA GLU B 68 -8.44 9.74 12.72
C GLU B 68 -8.95 8.29 12.87
N GLU B 69 -8.21 7.32 12.32
CA GLU B 69 -8.59 5.90 12.39
C GLU B 69 -8.14 5.21 13.67
N ASN B 70 -7.21 5.83 14.41
CA ASN B 70 -6.64 5.20 15.61
C ASN B 70 -6.91 5.97 16.93
N HIS B 71 -8.18 6.41 17.13
CA HIS B 71 -8.60 7.14 18.33
C HIS B 71 -7.66 8.32 18.68
N ASN B 72 -7.38 9.16 17.67
CA ASN B 72 -6.52 10.35 17.75
C ASN B 72 -5.04 10.10 18.14
N HIS B 73 -4.51 8.94 17.78
CA HIS B 73 -3.13 8.59 18.05
C HIS B 73 -2.36 8.25 16.75
N HIS B 74 -1.29 9.01 16.44
CA HIS B 74 -0.40 8.77 15.30
C HIS B 74 0.43 7.51 15.61
N ASN B 75 0.81 7.41 16.91
CA ASN B 75 1.74 6.44 17.46
C ASN B 75 3.07 6.55 16.64
N GLU B 76 3.63 7.77 16.60
CA GLU B 76 4.87 8.01 15.88
C GLU B 76 6.07 7.52 16.73
N ARG B 77 7.04 6.85 16.10
CA ARG B 77 8.24 6.41 16.80
C ARG B 77 9.48 6.72 15.97
N MET B 78 10.56 7.03 16.65
CA MET B 78 11.84 7.28 16.03
C MET B 78 12.53 5.94 15.87
N LEU B 79 12.74 5.50 14.63
CA LEU B 79 13.38 4.20 14.34
C LEU B 79 14.46 4.31 13.26
N PHE B 80 15.42 3.39 13.31
CA PHE B 80 16.50 3.33 12.31
C PHE B 80 16.05 2.57 11.07
N HIS B 81 16.63 2.96 9.92
CA HIS B 81 16.41 2.32 8.63
C HIS B 81 17.76 2.18 7.96
N GLY B 82 18.00 1.01 7.38
CA GLY B 82 19.19 0.76 6.59
C GLY B 82 18.77 0.09 5.29
N SER B 83 19.38 0.52 4.17
CA SER B 83 19.17 -0.06 2.83
C SER B 83 20.21 0.55 1.88
N PRO B 84 20.50 -0.04 0.69
CA PRO B 84 21.41 0.65 -0.26
C PRO B 84 20.71 1.77 -1.03
N PHE B 85 19.49 2.17 -0.59
CA PHE B 85 18.72 3.18 -1.33
C PHE B 85 18.61 4.52 -0.61
N ILE B 86 19.48 4.81 0.36
CA ILE B 86 19.44 6.05 1.14
C ILE B 86 19.42 7.31 0.28
N ASN B 87 20.32 7.41 -0.69
CA ASN B 87 20.39 8.60 -1.55
C ASN B 87 19.06 8.83 -2.34
N ALA B 88 18.41 7.74 -2.81
CA ALA B 88 17.11 7.84 -3.49
C ALA B 88 16.02 8.25 -2.47
N ILE B 89 16.05 7.68 -1.25
CA ILE B 89 15.05 7.96 -0.18
C ILE B 89 15.05 9.43 0.27
N ILE B 90 16.23 10.01 0.51
CA ILE B 90 16.32 11.41 0.96
C ILE B 90 15.85 12.40 -0.11
N HIS B 91 15.88 12.00 -1.41
CA HIS B 91 15.44 12.86 -2.53
C HIS B 91 14.00 12.60 -2.96
N LYS B 92 13.61 11.31 -3.02
CA LYS B 92 12.28 10.92 -3.50
C LYS B 92 11.30 10.49 -2.38
N GLY B 93 11.82 10.20 -1.20
CA GLY B 93 11.02 9.71 -0.06
C GLY B 93 10.93 8.21 -0.11
N PHE B 94 10.40 7.61 0.97
CA PHE B 94 10.23 6.15 1.02
C PHE B 94 9.12 5.80 0.02
N ASP B 95 9.26 4.66 -0.67
CA ASP B 95 8.34 4.22 -1.70
C ASP B 95 8.11 2.71 -1.55
N GLU B 96 6.86 2.34 -1.17
CA GLU B 96 6.51 0.92 -0.96
C GLU B 96 6.61 0.06 -2.24
N ARG B 97 6.69 0.68 -3.45
CA ARG B 97 6.91 -0.09 -4.68
C ARG B 97 8.34 -0.68 -4.68
N HIS B 98 9.24 -0.13 -3.84
CA HIS B 98 10.61 -0.63 -3.67
C HIS B 98 10.68 -1.44 -2.36
N ALA B 99 9.51 -1.94 -1.89
CA ALA B 99 9.42 -2.75 -0.68
C ALA B 99 10.28 -3.98 -0.82
N TYR B 100 10.76 -4.48 0.31
CA TYR B 100 11.60 -5.67 0.38
C TYR B 100 10.67 -6.91 0.26
N ILE B 101 10.52 -7.43 -0.97
CA ILE B 101 9.63 -8.59 -1.30
C ILE B 101 9.91 -9.86 -0.50
N GLY B 102 11.18 -10.14 -0.25
CA GLY B 102 11.59 -11.30 0.54
C GLY B 102 11.61 -11.06 2.04
N GLY B 103 11.02 -9.96 2.50
CA GLY B 103 10.98 -9.60 3.92
C GLY B 103 10.27 -10.66 4.77
N MET B 104 10.76 -10.88 6.01
CA MET B 104 10.20 -11.88 6.93
C MET B 104 8.72 -11.67 7.24
N PHE B 105 8.27 -10.39 7.27
CA PHE B 105 6.87 -10.06 7.55
C PHE B 105 6.20 -9.41 6.34
N GLY B 106 6.64 -9.81 5.16
CA GLY B 106 6.02 -9.35 3.93
C GLY B 106 6.70 -8.21 3.21
N ALA B 107 6.05 -7.77 2.12
CA ALA B 107 6.54 -6.76 1.17
C ALA B 107 6.34 -5.34 1.73
N GLY B 108 7.12 -5.03 2.76
CA GLY B 108 7.06 -3.73 3.40
C GLY B 108 8.43 -3.09 3.50
N ILE B 109 8.49 -1.97 4.22
CA ILE B 109 9.67 -1.15 4.49
C ILE B 109 9.99 -1.35 5.97
N TYR B 110 11.21 -1.81 6.23
CA TYR B 110 11.70 -2.25 7.53
C TYR B 110 12.47 -1.23 8.31
N PHE B 111 12.15 -1.18 9.61
CA PHE B 111 12.77 -0.30 10.58
C PHE B 111 13.12 -1.09 11.82
N ALA B 112 14.03 -0.55 12.65
CA ALA B 112 14.47 -1.19 13.88
C ALA B 112 14.74 -0.20 15.00
N GLU B 113 14.58 -0.67 16.25
CA GLU B 113 14.95 0.11 17.43
C GLU B 113 16.48 0.13 17.57
N ASN B 114 17.15 -0.92 17.11
CA ASN B 114 18.60 -1.08 17.24
C ASN B 114 19.31 -0.65 15.97
N SER B 115 20.27 0.29 16.10
CA SER B 115 21.05 0.79 14.95
C SER B 115 21.83 -0.35 14.29
N SER B 116 22.33 -1.33 15.08
CA SER B 116 23.10 -2.46 14.56
C SER B 116 22.25 -3.36 13.66
N LYS B 117 20.92 -3.40 13.87
CA LYS B 117 20.04 -4.17 12.99
C LYS B 117 19.99 -3.49 11.61
N SER B 118 19.78 -2.16 11.57
CA SER B 118 19.72 -1.40 10.31
C SER B 118 21.06 -1.43 9.58
N ASN B 119 22.17 -1.51 10.36
CA ASN B 119 23.52 -1.60 9.79
C ASN B 119 23.71 -2.89 8.98
N GLN B 120 22.94 -3.95 9.29
CA GLN B 120 23.00 -5.22 8.57
C GLN B 120 22.44 -5.10 7.13
N TYR B 121 21.64 -4.05 6.85
CA TYR B 121 20.97 -3.85 5.56
C TYR B 121 21.63 -2.81 4.63
N VAL B 122 22.51 -1.97 5.17
CA VAL B 122 23.15 -0.86 4.48
C VAL B 122 23.72 -1.25 3.11
N TYR B 123 24.40 -2.40 3.02
CA TYR B 123 25.03 -2.88 1.78
C TYR B 123 24.21 -3.90 0.99
N GLY B 124 23.06 -4.29 1.55
CA GLY B 124 22.12 -5.22 0.94
C GLY B 124 21.53 -6.18 1.96
N ILE B 125 20.70 -7.15 1.50
CA ILE B 125 20.12 -8.21 2.36
C ILE B 125 21.28 -9.05 2.84
N GLY B 126 21.37 -9.27 4.16
CA GLY B 126 22.48 -9.99 4.75
C GLY B 126 23.81 -9.28 4.53
N GLY B 127 23.75 -7.96 4.32
CA GLY B 127 24.94 -7.15 4.04
C GLY B 127 25.43 -7.22 2.60
N GLY B 128 24.66 -7.89 1.71
CA GLY B 128 25.04 -8.08 0.30
C GLY B 128 26.47 -8.56 0.14
N THR B 129 27.26 -7.91 -0.73
CA THR B 129 28.68 -8.29 -0.85
C THR B 129 29.59 -7.26 -0.15
N GLY B 130 29.03 -6.49 0.79
CA GLY B 130 29.75 -5.46 1.54
C GLY B 130 29.96 -4.19 0.74
N CYS B 131 30.93 -3.38 1.15
CA CYS B 131 31.29 -2.11 0.50
C CYS B 131 31.65 -2.28 -1.00
N PRO B 132 31.30 -1.30 -1.87
CA PRO B 132 31.66 -1.41 -3.29
C PRO B 132 33.16 -1.59 -3.57
N THR B 133 34.02 -0.83 -2.83
CA THR B 133 35.47 -0.82 -3.04
C THR B 133 36.18 -2.08 -2.58
N HIS B 134 35.94 -2.52 -1.34
CA HIS B 134 36.69 -3.67 -0.87
C HIS B 134 35.87 -4.97 -0.80
N LYS B 135 34.55 -4.92 -1.11
CA LYS B 135 33.66 -6.10 -1.03
C LYS B 135 33.79 -6.76 0.38
N ASP B 136 33.78 -5.90 1.40
CA ASP B 136 33.97 -6.31 2.78
C ASP B 136 32.78 -5.85 3.64
N ARG B 137 31.97 -6.81 4.14
CA ARG B 137 30.80 -6.51 5.01
C ARG B 137 31.22 -5.91 6.36
N SER B 138 32.49 -6.13 6.74
CA SER B 138 33.07 -5.58 7.97
C SER B 138 34.09 -4.46 7.66
N CYS B 139 33.93 -3.75 6.54
CA CYS B 139 34.85 -2.66 6.18
C CYS B 139 34.89 -1.54 7.22
N TYR B 140 36.10 -1.20 7.68
CA TYR B 140 36.37 -0.12 8.63
C TYR B 140 36.77 1.20 7.91
N ILE B 141 36.99 1.17 6.59
CA ILE B 141 37.41 2.34 5.78
C ILE B 141 36.22 3.11 5.18
N CYS B 142 35.37 2.40 4.44
CA CYS B 142 34.26 2.98 3.70
C CYS B 142 33.17 3.56 4.54
N HIS B 143 32.62 4.69 4.09
CA HIS B 143 31.58 5.39 4.81
C HIS B 143 30.20 4.80 4.53
N ARG B 144 29.43 4.57 5.60
CA ARG B 144 28.08 4.03 5.48
C ARG B 144 27.10 5.12 5.83
N GLN B 145 25.85 4.96 5.40
CA GLN B 145 24.80 5.89 5.75
C GLN B 145 23.59 5.12 6.28
N MET B 146 22.95 5.67 7.28
CA MET B 146 21.71 5.10 7.76
C MET B 146 20.76 6.23 8.10
N LEU B 147 19.47 5.93 8.18
CA LEU B 147 18.49 6.97 8.49
C LEU B 147 17.91 6.74 9.85
N PHE B 148 17.69 7.82 10.59
CA PHE B 148 16.99 7.79 11.86
C PHE B 148 15.68 8.54 11.54
N CYS B 149 14.59 7.77 11.47
CA CYS B 149 13.30 8.18 10.92
C CYS B 149 12.16 8.38 11.88
N ARG B 150 11.21 9.28 11.49
CA ARG B 150 9.91 9.37 12.20
C ARG B 150 9.07 8.33 11.46
N VAL B 151 8.48 7.39 12.20
CA VAL B 151 7.67 6.33 11.57
C VAL B 151 6.26 6.39 12.15
N THR B 152 5.24 6.58 11.29
CA THR B 152 3.82 6.55 11.69
C THR B 152 3.37 5.07 11.86
N LEU B 153 3.28 4.60 13.10
CA LEU B 153 2.87 3.19 13.32
C LEU B 153 1.37 2.96 13.45
N GLY B 154 0.63 3.98 13.89
CA GLY B 154 -0.82 3.87 14.17
C GLY B 154 -1.09 2.67 15.06
N LYS B 155 -2.07 1.87 14.68
CA LYS B 155 -2.34 0.63 15.42
C LYS B 155 -1.49 -0.49 14.81
N SER B 156 -0.53 -1.00 15.58
CA SER B 156 0.38 -2.05 15.15
C SER B 156 -0.24 -3.43 15.36
N PHE B 157 -0.03 -4.30 14.39
CA PHE B 157 -0.45 -5.70 14.46
C PHE B 157 0.77 -6.51 14.93
N LEU B 158 0.58 -7.34 15.96
CA LEU B 158 1.69 -8.15 16.47
C LEU B 158 1.73 -9.51 15.76
N GLN B 159 2.83 -9.76 15.03
CA GLN B 159 3.08 -10.96 14.24
C GLN B 159 4.23 -11.76 14.88
N PHE B 160 4.06 -13.09 14.96
CA PHE B 160 5.03 -13.98 15.66
C PHE B 160 5.62 -15.11 14.82
N SER B 161 5.53 -14.99 13.52
CA SER B 161 6.09 -15.98 12.60
C SER B 161 6.33 -15.33 11.26
N THR B 162 7.17 -15.95 10.42
CA THR B 162 7.34 -15.46 9.04
C THR B 162 6.01 -15.56 8.28
N ILE B 163 5.68 -14.53 7.51
CA ILE B 163 4.40 -14.44 6.79
C ILE B 163 4.55 -13.65 5.47
N LYS B 164 3.65 -13.93 4.52
CA LYS B 164 3.56 -13.16 3.28
C LYS B 164 2.46 -12.16 3.59
N MET B 165 2.74 -10.87 3.41
CA MET B 165 1.77 -9.81 3.68
C MET B 165 2.06 -8.61 2.78
N ALA B 166 1.03 -8.07 2.10
CA ALA B 166 1.20 -6.94 1.18
C ALA B 166 0.88 -5.58 1.81
N HIS B 167 -0.05 -5.59 2.78
CA HIS B 167 -0.57 -4.41 3.46
C HIS B 167 -0.80 -4.77 4.90
N ALA B 168 -0.89 -3.76 5.81
CA ALA B 168 -1.17 -4.07 7.22
C ALA B 168 -2.57 -4.73 7.32
N PRO B 169 -2.83 -5.60 8.31
CA PRO B 169 -4.16 -6.18 8.43
C PRO B 169 -5.27 -5.12 8.59
N PRO B 170 -6.53 -5.41 8.14
CA PRO B 170 -7.63 -4.45 8.34
C PRO B 170 -7.64 -3.85 9.74
N GLY B 171 -7.88 -2.53 9.84
CA GLY B 171 -7.89 -1.80 11.11
C GLY B 171 -6.52 -1.53 11.73
N HIS B 172 -5.44 -1.94 11.03
CA HIS B 172 -4.07 -1.73 11.51
C HIS B 172 -3.26 -0.87 10.53
N HIS B 173 -2.10 -0.32 10.98
CA HIS B 173 -1.29 0.59 10.14
C HIS B 173 0.15 0.17 10.02
N SER B 174 0.55 -0.85 10.80
CA SER B 174 1.93 -1.37 10.80
C SER B 174 1.94 -2.78 11.37
N VAL B 175 3.09 -3.43 11.26
CA VAL B 175 3.31 -4.77 11.81
C VAL B 175 4.59 -4.72 12.64
N ILE B 176 4.52 -5.24 13.87
CA ILE B 176 5.69 -5.42 14.73
C ILE B 176 5.88 -6.92 14.66
N GLY B 177 6.87 -7.34 13.89
CA GLY B 177 7.11 -8.75 13.64
C GLY B 177 8.26 -9.35 14.44
N ARG B 178 8.02 -10.55 14.96
CA ARG B 178 9.02 -11.37 15.69
C ARG B 178 9.09 -12.73 14.96
N PRO B 179 10.29 -13.35 14.86
CA PRO B 179 10.42 -14.61 14.07
C PRO B 179 9.91 -15.85 14.77
N SER B 180 9.63 -15.75 16.08
CA SER B 180 9.19 -16.87 16.89
C SER B 180 8.14 -16.40 17.90
N VAL B 181 7.34 -17.33 18.42
CA VAL B 181 6.25 -17.03 19.37
C VAL B 181 6.89 -16.80 20.73
N ASN B 182 7.42 -15.58 20.91
CA ASN B 182 8.17 -15.21 22.08
C ASN B 182 8.18 -13.70 22.21
N GLY B 183 7.55 -13.20 23.28
CA GLY B 183 7.47 -11.78 23.59
C GLY B 183 8.83 -11.10 23.77
N LEU B 184 9.87 -11.89 24.16
CA LEU B 184 11.26 -11.46 24.38
C LEU B 184 12.06 -11.33 23.08
N ALA B 185 11.67 -12.04 21.99
CA ALA B 185 12.41 -11.97 20.71
C ALA B 185 12.48 -10.53 20.15
N TYR B 186 13.58 -10.22 19.45
CA TYR B 186 13.78 -8.91 18.84
C TYR B 186 12.82 -8.73 17.66
N ALA B 187 12.21 -7.54 17.59
CA ALA B 187 11.21 -7.27 16.57
C ALA B 187 11.73 -6.39 15.43
N GLU B 188 11.03 -6.45 14.29
CA GLU B 188 11.26 -5.55 13.17
C GLU B 188 9.96 -4.78 13.03
N TYR B 189 10.05 -3.47 12.71
CA TYR B 189 8.91 -2.58 12.52
C TYR B 189 8.68 -2.41 11.03
N VAL B 190 7.48 -2.78 10.58
CA VAL B 190 7.16 -2.81 9.16
C VAL B 190 5.99 -1.91 8.81
N ILE B 191 6.18 -1.06 7.80
CA ILE B 191 5.12 -0.26 7.20
C ILE B 191 5.01 -0.72 5.73
N TYR B 192 3.83 -0.54 5.15
CA TYR B 192 3.50 -0.99 3.80
C TYR B 192 3.15 0.20 2.89
N ARG B 193 3.38 1.43 3.39
CA ARG B 193 3.13 2.69 2.69
C ARG B 193 4.31 3.61 2.96
N GLY B 194 4.96 4.10 1.89
CA GLY B 194 6.11 4.99 2.01
C GLY B 194 5.86 6.24 2.83
N GLU B 195 4.64 6.84 2.69
CA GLU B 195 4.22 8.05 3.41
C GLU B 195 4.06 7.88 4.94
N GLN B 196 4.25 6.65 5.44
CA GLN B 196 4.27 6.41 6.89
C GLN B 196 5.66 6.54 7.52
N ALA B 197 6.64 7.01 6.74
CA ALA B 197 7.98 7.28 7.25
C ALA B 197 8.61 8.54 6.62
N TYR B 198 9.27 9.33 7.45
CA TYR B 198 9.98 10.53 7.01
C TYR B 198 11.47 10.33 7.33
N PRO B 199 12.38 10.47 6.34
CA PRO B 199 13.81 10.23 6.63
C PRO B 199 14.43 11.46 7.30
N GLU B 200 14.11 11.65 8.60
CA GLU B 200 14.48 12.82 9.40
C GLU B 200 15.97 13.11 9.47
N TYR B 201 16.75 12.12 9.87
CA TYR B 201 18.22 12.28 10.01
C TYR B 201 18.98 11.39 9.08
N LEU B 202 19.96 11.95 8.37
CA LEU B 202 20.89 11.22 7.51
C LEU B 202 22.21 11.12 8.31
N ILE B 203 22.57 9.90 8.73
CA ILE B 203 23.79 9.70 9.54
C ILE B 203 24.88 9.12 8.66
N THR B 204 26.04 9.80 8.57
CA THR B 204 27.19 9.28 7.85
C THR B 204 28.11 8.73 8.95
N TYR B 205 28.57 7.47 8.80
CA TYR B 205 29.39 6.82 9.83
C TYR B 205 30.26 5.68 9.30
N GLN B 206 31.10 5.16 10.18
CA GLN B 206 31.86 3.95 9.93
C GLN B 206 31.63 3.07 11.13
N ILE B 207 31.73 1.73 10.94
CA ILE B 207 31.78 0.86 12.11
C ILE B 207 33.26 0.94 12.54
N MET B 208 33.57 0.86 13.85
CA MET B 208 34.99 0.92 14.26
C MET B 208 35.47 -0.45 14.74
N LYS B 209 36.73 -0.80 14.47
CA LYS B 209 37.26 -2.09 14.93
C LYS B 209 37.25 -2.22 16.48
N PRO B 210 37.02 -3.46 17.01
CA PRO B 210 37.14 -3.67 18.46
C PRO B 210 38.53 -3.25 18.94
N GLU B 211 38.58 -2.56 20.09
CA GLU B 211 39.82 -2.05 20.72
C GLU B 211 40.02 -2.83 22.01
#